data_9D91
#
_entry.id   9D91
#
_cell.length_a   54.369
_cell.length_b   74.016
_cell.length_c   132.655
_cell.angle_alpha   90.000
_cell.angle_beta   90.000
_cell.angle_gamma   90.000
#
_symmetry.space_group_name_H-M   'I 2 2 2'
#
loop_
_entity.id
_entity.type
_entity.pdbx_description
1 polymer Asparaginase
2 non-polymer 1,2-ETHANEDIOL
3 non-polymer 'SULFATE ION'
4 water water
#
_entity_poly.entity_id   1
_entity_poly.type   'polypeptide(L)'
_entity_poly.pdbx_seq_one_letter_code
;MPKKILVLHTGGTISMQADASGAVVTSSDNPMNHVSNPLEGIQVHALDFFNLPSPHIKPKHMLVLYQKIKEEADNYDGVV
ITHGTDTLEETAYFLDTMEVPHMPIVLTGAMRSSNELGSDGVYNYLSALRVASDDRAADKGVLVVMNDEIHAAKYVTKTH
TTNVSTFQTPTHGPLGLIMKQEILYFKTAEPRVRFDLDHIQGLVPIISAYAGMTDELIDMLDLEHLDGLIIQAFGAGNIP
KETAQKLESLLQKGIPVALVSRCFNGIAEPVYAYQGGGVQLQKAGVFFVKELNAQKARLKLLIALNAGLTGQALKDYMEG
;
_entity_poly.pdbx_strand_id   A
#
# COMPACT_ATOMS: atom_id res chain seq x y z
N MET A 1 26.43 -17.87 11.25
CA MET A 1 25.10 -18.41 11.50
C MET A 1 24.14 -17.99 10.39
N PRO A 2 23.16 -18.84 10.10
CA PRO A 2 22.16 -18.48 9.10
C PRO A 2 21.21 -17.42 9.61
N LYS A 3 20.66 -16.63 8.68
CA LYS A 3 19.54 -15.78 9.01
C LYS A 3 18.25 -16.59 8.91
N LYS A 4 17.33 -16.33 9.84
CA LYS A 4 16.04 -17.02 9.91
C LYS A 4 14.93 -16.09 9.44
N ILE A 5 14.23 -16.46 8.36
CA ILE A 5 13.22 -15.61 7.76
C ILE A 5 11.85 -16.27 7.89
N LEU A 6 10.89 -15.53 8.44
CA LEU A 6 9.49 -15.96 8.44
C LEU A 6 8.85 -15.59 7.11
N VAL A 7 8.27 -16.56 6.42
CA VAL A 7 7.68 -16.33 5.10
C VAL A 7 6.18 -16.59 5.19
N LEU A 8 5.40 -15.56 4.89
CA LEU A 8 3.94 -15.63 4.95
C LEU A 8 3.42 -15.54 3.52
N HIS A 9 3.02 -16.69 2.96
CA HIS A 9 2.41 -16.71 1.65
C HIS A 9 0.91 -16.42 1.79
N THR A 10 0.42 -15.43 1.03
CA THR A 10 -0.99 -15.07 1.13
C THR A 10 -1.79 -15.40 -0.11
N GLY A 11 -1.16 -15.79 -1.22
CA GLY A 11 -1.87 -15.79 -2.48
C GLY A 11 -2.38 -17.12 -3.01
N GLY A 12 -1.95 -18.23 -2.40
CA GLY A 12 -2.36 -19.56 -2.86
C GLY A 12 -2.11 -19.75 -4.34
N THR A 13 -3.00 -20.50 -4.99
CA THR A 13 -3.02 -20.67 -6.43
C THR A 13 -4.36 -20.18 -6.97
N ILE A 14 -4.39 -19.80 -8.24
CA ILE A 14 -5.58 -19.18 -8.81
C ILE A 14 -5.94 -19.81 -10.14
N SER A 15 -7.21 -19.68 -10.50
CA SER A 15 -7.72 -20.12 -11.78
C SER A 15 -7.43 -19.06 -12.84
N MET A 16 -6.82 -19.48 -13.96
CA MET A 16 -6.46 -18.57 -15.04
C MET A 16 -6.91 -19.15 -16.37
N GLN A 17 -7.21 -18.27 -17.32
CA GLN A 17 -7.66 -18.67 -18.65
C GLN A 17 -6.63 -19.56 -19.36
N VAL A 24 -9.06 -23.02 -19.11
CA VAL A 24 -8.85 -22.62 -17.72
C VAL A 24 -7.98 -23.62 -16.96
N VAL A 25 -6.92 -23.12 -16.31
CA VAL A 25 -6.01 -23.95 -15.53
C VAL A 25 -5.72 -23.26 -14.20
N THR A 26 -5.21 -24.04 -13.27
CA THR A 26 -4.77 -23.53 -11.97
C THR A 26 -3.28 -23.20 -12.03
N SER A 27 -2.92 -22.03 -11.49
CA SER A 27 -1.54 -21.60 -11.48
C SER A 27 -0.67 -22.58 -10.69
N SER A 28 0.61 -22.63 -11.06
CA SER A 28 1.55 -23.58 -10.46
C SER A 28 2.20 -22.97 -9.22
N ASP A 29 2.40 -23.81 -8.22
CA ASP A 29 3.07 -23.43 -6.97
C ASP A 29 4.46 -24.04 -6.98
N ASN A 30 5.47 -23.21 -7.18
CA ASN A 30 6.84 -23.70 -7.23
C ASN A 30 7.24 -24.23 -5.85
N PRO A 31 7.71 -25.49 -5.75
CA PRO A 31 8.05 -26.02 -4.43
C PRO A 31 9.17 -25.27 -3.72
N MET A 32 9.96 -24.47 -4.46
CA MET A 32 11.00 -23.69 -3.82
C MET A 32 10.44 -22.65 -2.86
N ASN A 33 9.18 -22.27 -3.03
CA ASN A 33 8.53 -21.33 -2.12
C ASN A 33 8.35 -21.89 -0.71
N HIS A 34 8.51 -23.20 -0.54
CA HIS A 34 8.18 -23.85 0.72
C HIS A 34 9.34 -24.52 1.41
N VAL A 35 10.48 -24.70 0.74
CA VAL A 35 11.61 -25.40 1.34
C VAL A 35 12.24 -24.54 2.42
N SER A 36 12.85 -25.20 3.41
CA SER A 36 13.41 -24.49 4.55
C SER A 36 14.78 -23.85 4.25
N ASN A 37 15.47 -24.26 3.19
CA ASN A 37 16.81 -23.76 2.90
C ASN A 37 16.96 -23.40 1.43
N PRO A 38 16.25 -22.36 0.97
CA PRO A 38 16.26 -22.04 -0.46
C PRO A 38 17.55 -21.40 -0.94
N LEU A 39 18.33 -20.80 -0.05
CA LEU A 39 19.58 -20.14 -0.39
C LEU A 39 20.62 -20.45 0.67
N GLU A 40 21.89 -20.42 0.28
CA GLU A 40 22.96 -20.59 1.25
C GLU A 40 22.89 -19.49 2.30
N GLY A 41 22.89 -19.87 3.57
CA GLY A 41 22.89 -18.92 4.66
C GLY A 41 21.52 -18.35 5.02
N ILE A 42 20.45 -18.85 4.42
CA ILE A 42 19.10 -18.36 4.70
C ILE A 42 18.20 -19.56 5.00
N GLN A 43 17.62 -19.58 6.19
CA GLN A 43 16.70 -20.61 6.62
C GLN A 43 15.30 -20.01 6.73
N VAL A 44 14.31 -20.68 6.15
CA VAL A 44 12.97 -20.14 6.01
C VAL A 44 11.98 -21.01 6.78
N HIS A 45 11.03 -20.36 7.44
CA HIS A 45 9.82 -21.00 7.99
C HIS A 45 8.65 -20.45 7.18
N ALA A 46 8.15 -21.23 6.22
CA ALA A 46 7.14 -20.75 5.30
C ALA A 46 5.76 -21.27 5.69
N LEU A 47 4.79 -20.37 5.73
CA LEU A 47 3.41 -20.69 6.06
C LEU A 47 2.50 -20.36 4.88
N ASP A 48 1.53 -21.23 4.62
CA ASP A 48 0.41 -20.90 3.75
C ASP A 48 -0.56 -20.12 4.62
N PHE A 49 -0.34 -18.80 4.68
CA PHE A 49 -0.97 -17.99 5.70
C PHE A 49 -2.40 -17.62 5.29
N PHE A 50 -2.58 -17.16 4.06
CA PHE A 50 -3.88 -17.00 3.42
C PHE A 50 -3.84 -17.72 2.08
N ASN A 51 -5.02 -17.92 1.49
CA ASN A 51 -5.13 -18.44 0.13
C ASN A 51 -6.10 -17.52 -0.61
N LEU A 52 -5.65 -16.30 -0.89
CA LEU A 52 -6.51 -15.24 -1.39
C LEU A 52 -5.94 -14.63 -2.67
N PRO A 53 -6.69 -14.60 -3.77
CA PRO A 53 -6.37 -13.65 -4.84
C PRO A 53 -6.26 -12.25 -4.23
N SER A 54 -5.27 -11.47 -4.65
CA SER A 54 -5.09 -10.20 -3.97
C SER A 54 -6.28 -9.24 -4.14
N PRO A 55 -7.10 -9.30 -5.19
CA PRO A 55 -8.33 -8.48 -5.20
C PRO A 55 -9.29 -8.82 -4.08
N HIS A 56 -9.11 -9.94 -3.41
CA HIS A 56 -9.98 -10.35 -2.31
C HIS A 56 -9.39 -10.02 -0.94
N ILE A 57 -8.20 -9.38 -0.89
CA ILE A 57 -7.57 -9.01 0.37
C ILE A 57 -8.28 -7.78 0.94
N LYS A 58 -8.57 -7.81 2.24
CA LYS A 58 -9.29 -6.76 2.94
C LYS A 58 -8.45 -6.25 4.11
N PRO A 59 -8.75 -5.06 4.63
CA PRO A 59 -8.02 -4.59 5.81
C PRO A 59 -8.03 -5.58 6.98
N LYS A 60 -9.06 -6.41 7.15
CA LYS A 60 -9.02 -7.38 8.25
C LYS A 60 -7.89 -8.39 8.07
N HIS A 61 -7.56 -8.73 6.82
CA HIS A 61 -6.41 -9.60 6.57
C HIS A 61 -5.10 -8.89 6.86
N MET A 62 -5.02 -7.61 6.49
CA MET A 62 -3.82 -6.83 6.76
C MET A 62 -3.54 -6.75 8.26
N LEU A 63 -4.60 -6.62 9.06
CA LEU A 63 -4.42 -6.59 10.51
C LEU A 63 -3.91 -7.92 11.04
N VAL A 64 -4.41 -9.04 10.50
CA VAL A 64 -3.95 -10.33 10.96
C VAL A 64 -2.47 -10.55 10.58
N LEU A 65 -2.04 -10.05 9.42
CA LEU A 65 -0.62 -10.10 9.10
C LEU A 65 0.21 -9.29 10.09
N TYR A 66 -0.27 -8.09 10.42
CA TYR A 66 0.41 -7.26 11.41
C TYR A 66 0.55 -7.99 12.73
N GLN A 67 -0.54 -8.61 13.19
CA GLN A 67 -0.50 -9.32 14.46
C GLN A 67 0.48 -10.48 14.43
N LYS A 68 0.54 -11.20 13.30
CA LYS A 68 1.49 -12.30 13.20
C LYS A 68 2.93 -11.82 13.28
N ILE A 69 3.24 -10.69 12.63
CA ILE A 69 4.58 -10.15 12.65
C ILE A 69 4.96 -9.71 14.06
N LYS A 70 4.03 -9.06 14.77
CA LYS A 70 4.31 -8.66 16.14
C LYS A 70 4.57 -9.88 17.02
N GLU A 71 3.77 -10.94 16.84
CA GLU A 71 3.88 -12.13 17.68
C GLU A 71 5.22 -12.84 17.46
N GLU A 72 5.72 -12.84 16.24
CA GLU A 72 6.92 -13.60 15.89
C GLU A 72 8.18 -12.75 15.86
N ALA A 73 8.09 -11.46 16.25
CA ALA A 73 9.17 -10.53 16.01
C ALA A 73 10.49 -11.02 16.62
N ASP A 74 10.43 -11.63 17.80
CA ASP A 74 11.65 -12.03 18.49
C ASP A 74 12.20 -13.37 18.04
N ASN A 75 11.51 -14.07 17.14
CA ASN A 75 11.93 -15.40 16.72
C ASN A 75 12.59 -15.44 15.35
N TYR A 76 12.64 -14.32 14.63
CA TYR A 76 13.17 -14.31 13.28
C TYR A 76 14.02 -13.08 13.07
N ASP A 77 14.91 -13.18 12.08
CA ASP A 77 15.73 -12.05 11.64
C ASP A 77 14.95 -11.10 10.74
N GLY A 78 13.99 -11.61 9.98
CA GLY A 78 13.22 -10.79 9.07
C GLY A 78 11.99 -11.54 8.59
N VAL A 79 11.16 -10.83 7.83
CA VAL A 79 9.87 -11.35 7.37
C VAL A 79 9.75 -11.07 5.87
N VAL A 80 9.27 -12.07 5.14
CA VAL A 80 8.91 -11.91 3.73
C VAL A 80 7.45 -12.31 3.58
N ILE A 81 6.67 -11.45 2.94
CA ILE A 81 5.27 -11.73 2.62
C ILE A 81 5.17 -11.82 1.11
N THR A 82 4.60 -12.92 0.60
CA THR A 82 4.29 -12.99 -0.83
C THR A 82 2.80 -12.74 -1.00
N HIS A 83 2.45 -12.00 -2.05
CA HIS A 83 1.17 -11.32 -2.14
C HIS A 83 0.87 -11.11 -3.61
N GLY A 84 -0.37 -11.37 -4.03
CA GLY A 84 -0.74 -11.02 -5.40
C GLY A 84 -0.44 -9.55 -5.68
N THR A 85 -0.02 -9.27 -6.91
CA THR A 85 0.51 -7.94 -7.19
C THR A 85 -0.56 -6.88 -7.34
N ASP A 86 -1.83 -7.27 -7.56
CA ASP A 86 -2.87 -6.29 -7.82
C ASP A 86 -3.07 -5.31 -6.66
N THR A 87 -3.01 -5.78 -5.41
CA THR A 87 -3.23 -4.94 -4.24
C THR A 87 -2.06 -4.97 -3.26
N LEU A 88 -0.93 -5.54 -3.67
CA LEU A 88 0.26 -5.60 -2.83
C LEU A 88 0.61 -4.24 -2.23
N GLU A 89 0.55 -3.19 -3.04
CA GLU A 89 0.96 -1.86 -2.54
C GLU A 89 0.04 -1.38 -1.41
N GLU A 90 -1.22 -1.83 -1.40
CA GLU A 90 -2.14 -1.41 -0.35
C GLU A 90 -1.81 -2.08 0.97
N THR A 91 -1.59 -3.40 0.94
CA THR A 91 -1.17 -4.09 2.14
C THR A 91 0.18 -3.57 2.64
N ALA A 92 1.11 -3.33 1.71
CA ALA A 92 2.41 -2.82 2.11
C ALA A 92 2.27 -1.47 2.83
N TYR A 93 1.48 -0.55 2.24
CA TYR A 93 1.27 0.75 2.89
C TYR A 93 0.63 0.58 4.26
N PHE A 94 -0.35 -0.33 4.37
CA PHE A 94 -1.03 -0.53 5.64
C PHE A 94 -0.05 -0.98 6.70
N LEU A 95 0.74 -2.00 6.41
CA LEU A 95 1.71 -2.48 7.39
C LEU A 95 2.72 -1.39 7.75
N ASP A 96 3.10 -0.57 6.78
CA ASP A 96 4.06 0.50 7.03
C ASP A 96 3.48 1.60 7.93
N THR A 97 2.16 1.67 8.06
CA THR A 97 1.51 2.63 8.95
C THR A 97 1.25 2.03 10.34
N MET A 98 1.43 0.73 10.50
CA MET A 98 1.30 0.08 11.79
C MET A 98 2.63 0.14 12.53
N GLU A 99 2.57 -0.05 13.86
CA GLU A 99 3.77 -0.04 14.70
C GLU A 99 4.47 -1.40 14.63
N VAL A 100 5.00 -1.71 13.45
CA VAL A 100 5.72 -2.96 13.20
C VAL A 100 7.07 -2.94 13.91
N PRO A 101 7.59 -4.11 14.27
CA PRO A 101 8.90 -4.18 14.93
C PRO A 101 10.02 -3.74 14.00
N HIS A 102 11.14 -3.38 14.63
CA HIS A 102 12.33 -2.92 13.92
C HIS A 102 13.06 -4.13 13.37
N MET A 103 12.68 -4.55 12.18
CA MET A 103 13.32 -5.67 11.50
C MET A 103 12.95 -5.60 10.03
N PRO A 104 13.74 -6.22 9.14
CA PRO A 104 13.38 -6.21 7.73
C PRO A 104 12.01 -6.86 7.52
N ILE A 105 11.14 -6.16 6.79
CA ILE A 105 9.82 -6.65 6.42
C ILE A 105 9.66 -6.34 4.95
N VAL A 106 9.57 -7.37 4.12
CA VAL A 106 9.61 -7.23 2.67
C VAL A 106 8.40 -7.92 2.07
N LEU A 107 7.70 -7.23 1.17
CA LEU A 107 6.65 -7.84 0.37
C LEU A 107 7.13 -8.04 -1.08
N THR A 108 6.72 -9.15 -1.67
CA THR A 108 7.05 -9.41 -3.06
C THR A 108 5.88 -10.14 -3.71
N GLY A 109 5.87 -10.18 -5.03
CA GLY A 109 4.72 -10.65 -5.76
C GLY A 109 4.56 -12.17 -5.73
N ALA A 110 3.31 -12.61 -5.71
CA ALA A 110 3.00 -14.00 -5.95
C ALA A 110 3.07 -14.23 -7.46
N MET A 111 4.03 -15.02 -7.91
CA MET A 111 4.15 -15.30 -9.34
C MET A 111 2.97 -16.15 -9.78
N ARG A 112 2.26 -15.70 -10.82
CA ARG A 112 1.11 -16.43 -11.37
C ARG A 112 1.56 -17.07 -12.68
N SER A 113 1.95 -18.33 -12.61
CA SER A 113 2.61 -19.04 -13.70
C SER A 113 1.84 -20.30 -14.06
N SER A 114 1.86 -20.65 -15.34
CA SER A 114 1.37 -21.95 -15.78
C SER A 114 2.52 -22.87 -16.17
N ASN A 115 3.75 -22.51 -15.84
CA ASN A 115 4.92 -23.33 -16.10
C ASN A 115 5.01 -24.39 -15.02
N GLU A 116 4.74 -25.65 -15.39
CA GLU A 116 4.60 -26.70 -14.38
C GLU A 116 5.95 -27.12 -13.79
N LEU A 117 7.02 -27.03 -14.58
CA LEU A 117 8.34 -27.39 -14.06
C LEU A 117 8.97 -26.29 -13.22
N GLY A 118 8.37 -25.11 -13.16
CA GLY A 118 8.96 -24.03 -12.40
C GLY A 118 10.26 -23.50 -12.98
N SER A 119 10.50 -23.72 -14.28
CA SER A 119 11.72 -23.24 -14.91
C SER A 119 11.73 -21.72 -15.08
N ASP A 120 10.60 -21.05 -14.87
CA ASP A 120 10.65 -19.60 -14.85
C ASP A 120 11.21 -19.05 -13.54
N GLY A 121 11.37 -19.90 -12.51
CA GLY A 121 12.06 -19.52 -11.30
C GLY A 121 11.17 -18.85 -10.27
N VAL A 122 11.79 -18.56 -9.13
CA VAL A 122 11.17 -17.73 -8.09
C VAL A 122 12.12 -16.58 -7.79
N TYR A 123 12.55 -15.88 -8.85
CA TYR A 123 13.62 -14.90 -8.72
C TYR A 123 13.27 -13.81 -7.71
N ASN A 124 12.05 -13.26 -7.80
CA ASN A 124 11.71 -12.15 -6.91
C ASN A 124 11.59 -12.61 -5.46
N TYR A 125 11.13 -13.83 -5.24
CA TYR A 125 11.08 -14.36 -3.88
C TYR A 125 12.48 -14.50 -3.30
N LEU A 126 13.40 -15.09 -4.08
CA LEU A 126 14.79 -15.19 -3.63
C LEU A 126 15.39 -13.82 -3.38
N SER A 127 15.08 -12.84 -4.23
CA SER A 127 15.56 -11.48 -4.00
C SER A 127 15.03 -10.94 -2.68
N ALA A 128 13.75 -11.19 -2.40
CA ALA A 128 13.16 -10.69 -1.16
C ALA A 128 13.82 -11.32 0.07
N LEU A 129 14.15 -12.62 0.00
CA LEU A 129 14.87 -13.26 1.10
C LEU A 129 16.24 -12.59 1.32
N ARG A 130 16.96 -12.27 0.24
CA ARG A 130 18.23 -11.57 0.36
C ARG A 130 18.06 -10.23 1.08
N VAL A 131 17.05 -9.46 0.70
CA VAL A 131 16.85 -8.15 1.30
C VAL A 131 16.44 -8.30 2.76
N ALA A 132 15.56 -9.26 3.05
CA ALA A 132 15.11 -9.48 4.42
C ALA A 132 16.23 -9.99 5.30
N SER A 133 17.29 -10.54 4.71
CA SER A 133 18.43 -11.05 5.46
C SER A 133 19.52 -10.01 5.67
N ASP A 134 19.34 -8.80 5.12
CA ASP A 134 20.32 -7.73 5.21
C ASP A 134 19.87 -6.78 6.30
N ASP A 135 20.70 -6.61 7.33
CA ASP A 135 20.28 -5.79 8.46
C ASP A 135 20.14 -4.32 8.11
N ARG A 136 20.73 -3.85 7.00
CA ARG A 136 20.48 -2.47 6.57
C ARG A 136 19.01 -2.21 6.28
N ALA A 137 18.21 -3.25 6.01
CA ALA A 137 16.80 -3.04 5.70
C ALA A 137 15.96 -2.74 6.93
N ALA A 138 16.49 -2.96 8.13
CA ALA A 138 15.67 -2.87 9.33
C ALA A 138 15.15 -1.47 9.57
N ASP A 139 15.89 -0.43 9.14
CA ASP A 139 15.48 0.94 9.43
C ASP A 139 14.93 1.66 8.20
N LYS A 140 14.56 0.91 7.16
CA LYS A 140 14.08 1.50 5.91
C LYS A 140 12.57 1.48 5.77
N GLY A 141 11.84 1.03 6.81
CA GLY A 141 10.41 0.88 6.70
C GLY A 141 10.05 -0.40 5.98
N VAL A 142 8.75 -0.61 5.79
CA VAL A 142 8.29 -1.79 5.06
C VAL A 142 8.66 -1.63 3.59
N LEU A 143 9.20 -2.69 2.99
CA LEU A 143 9.79 -2.64 1.65
C LEU A 143 9.03 -3.52 0.69
N VAL A 144 9.06 -3.14 -0.59
CA VAL A 144 8.56 -3.96 -1.69
C VAL A 144 9.74 -4.24 -2.63
N VAL A 145 10.00 -5.51 -2.90
CA VAL A 145 11.14 -5.93 -3.70
C VAL A 145 10.62 -6.64 -4.95
N MET A 146 10.91 -6.07 -6.12
CA MET A 146 10.54 -6.67 -7.40
C MET A 146 11.61 -6.28 -8.41
N ASN A 147 12.07 -7.26 -9.21
CA ASN A 147 12.90 -6.99 -10.38
C ASN A 147 14.14 -6.17 -10.04
N ASP A 148 14.83 -6.61 -8.97
CA ASP A 148 16.09 -6.08 -8.47
C ASP A 148 15.98 -4.66 -7.92
N GLU A 149 14.76 -4.16 -7.69
CA GLU A 149 14.58 -2.85 -7.08
C GLU A 149 13.92 -2.99 -5.72
N ILE A 150 14.30 -2.11 -4.79
CA ILE A 150 13.77 -2.07 -3.43
C ILE A 150 13.03 -0.75 -3.29
N HIS A 151 11.73 -0.80 -2.99
CA HIS A 151 10.89 0.39 -2.93
C HIS A 151 10.30 0.58 -1.55
N ALA A 152 10.16 1.84 -1.17
CA ALA A 152 9.46 2.19 0.07
C ALA A 152 7.95 1.97 -0.09
N ALA A 153 7.34 1.31 0.89
CA ALA A 153 5.91 1.00 0.83
C ALA A 153 5.06 2.26 0.64
N LYS A 154 5.48 3.39 1.20
CA LYS A 154 4.64 4.58 1.13
C LYS A 154 4.54 5.13 -0.29
N TYR A 155 5.52 4.85 -1.15
CA TYR A 155 5.58 5.48 -2.47
C TYR A 155 5.45 4.52 -3.64
N VAL A 156 5.52 3.21 -3.41
CA VAL A 156 5.56 2.25 -4.52
C VAL A 156 4.17 2.04 -5.10
N THR A 157 4.11 1.77 -6.42
CA THR A 157 2.84 1.41 -7.05
C THR A 157 3.12 0.47 -8.22
N LYS A 158 2.14 -0.39 -8.51
CA LYS A 158 2.21 -1.23 -9.71
C LYS A 158 1.93 -0.38 -10.95
N THR A 159 2.85 -0.44 -11.93
CA THR A 159 2.72 0.36 -13.15
C THR A 159 2.44 -0.45 -14.41
N HIS A 160 2.92 -1.69 -14.52
CA HIS A 160 2.76 -2.49 -15.72
C HIS A 160 2.09 -3.82 -15.41
N THR A 161 1.29 -4.28 -16.37
CA THR A 161 0.51 -5.49 -16.24
C THR A 161 1.09 -6.61 -17.10
N THR A 162 2.40 -6.59 -17.29
CA THR A 162 3.09 -7.62 -18.05
C THR A 162 3.03 -8.95 -17.31
N ASN A 163 3.60 -9.98 -17.95
CA ASN A 163 3.50 -11.34 -17.43
C ASN A 163 3.97 -11.41 -15.98
N VAL A 164 5.08 -10.76 -15.67
CA VAL A 164 5.47 -10.42 -14.32
C VAL A 164 5.26 -8.92 -14.18
N SER A 165 4.59 -8.52 -13.12
CA SER A 165 4.25 -7.11 -12.95
C SER A 165 5.51 -6.26 -12.77
N THR A 166 5.38 -4.97 -13.09
CA THR A 166 6.40 -3.97 -12.80
C THR A 166 5.89 -3.03 -11.73
N PHE A 167 6.76 -2.67 -10.79
CA PHE A 167 6.48 -1.66 -9.78
C PHE A 167 7.45 -0.50 -9.93
N GLN A 168 7.01 0.69 -9.55
CA GLN A 168 7.83 1.88 -9.61
C GLN A 168 7.54 2.79 -8.43
N THR A 169 8.52 3.64 -8.10
CA THR A 169 8.31 4.76 -7.20
C THR A 169 8.24 6.01 -8.07
N PRO A 170 7.09 6.66 -8.20
CA PRO A 170 7.01 7.87 -9.03
C PRO A 170 7.99 8.92 -8.57
N THR A 171 8.65 9.55 -9.55
CA THR A 171 9.55 10.70 -9.37
C THR A 171 10.90 10.32 -8.77
N HIS A 172 10.89 9.62 -7.63
CA HIS A 172 12.10 9.45 -6.82
C HIS A 172 12.87 8.16 -7.10
N GLY A 173 12.30 7.20 -7.82
CA GLY A 173 13.01 5.97 -8.07
C GLY A 173 13.13 5.12 -6.82
N PRO A 174 13.80 3.98 -6.93
CA PRO A 174 13.83 3.03 -5.82
C PRO A 174 14.69 3.49 -4.66
N LEU A 175 14.35 3.00 -3.46
CA LEU A 175 15.18 3.18 -2.29
C LEU A 175 16.52 2.46 -2.43
N GLY A 176 16.54 1.39 -3.23
CA GLY A 176 17.74 0.58 -3.34
C GLY A 176 17.70 -0.34 -4.52
N LEU A 177 18.85 -0.94 -4.81
CA LEU A 177 19.05 -1.81 -5.94
C LEU A 177 19.76 -3.08 -5.49
N ILE A 178 19.35 -4.21 -6.06
CA ILE A 178 20.00 -5.49 -5.80
C ILE A 178 21.04 -5.69 -6.89
N MET A 179 22.30 -5.67 -6.49
CA MET A 179 23.44 -5.87 -7.35
C MET A 179 23.88 -7.32 -7.26
N LYS A 180 24.96 -7.67 -7.96
CA LYS A 180 25.40 -9.06 -7.97
C LYS A 180 25.95 -9.47 -6.61
N GLN A 181 26.74 -8.61 -5.97
CA GLN A 181 27.36 -8.99 -4.71
C GLN A 181 27.15 -7.94 -3.62
N GLU A 182 26.15 -7.08 -3.76
CA GLU A 182 25.82 -6.13 -2.72
C GLU A 182 24.36 -5.72 -2.88
N ILE A 183 23.79 -5.22 -1.79
CA ILE A 183 22.51 -4.54 -1.82
C ILE A 183 22.78 -3.07 -1.56
N LEU A 184 22.47 -2.23 -2.53
CA LEU A 184 22.83 -0.82 -2.51
C LEU A 184 21.60 0.00 -2.11
N TYR A 185 21.72 0.80 -1.06
CA TYR A 185 20.67 1.72 -0.66
C TYR A 185 21.08 3.15 -0.97
N PHE A 186 20.13 3.94 -1.45
CA PHE A 186 20.42 5.31 -1.86
C PHE A 186 20.15 6.36 -0.80
N LYS A 187 19.21 6.09 0.10
CA LYS A 187 18.93 7.02 1.18
C LYS A 187 18.14 6.27 2.25
N THR A 188 17.96 6.94 3.38
CA THR A 188 17.07 6.48 4.43
C THR A 188 15.88 7.43 4.48
N ALA A 189 14.69 6.89 4.24
CA ALA A 189 13.51 7.73 4.23
C ALA A 189 13.13 8.16 5.64
N GLU A 190 12.38 9.25 5.72
CA GLU A 190 12.01 9.82 7.00
C GLU A 190 11.08 8.88 7.76
N PRO A 191 11.26 8.73 9.07
CA PRO A 191 10.40 7.83 9.83
C PRO A 191 8.95 8.26 9.72
N ARG A 192 8.06 7.28 9.77
CA ARG A 192 6.66 7.55 9.56
C ARG A 192 5.90 7.58 10.88
N VAL A 193 4.76 8.29 10.84
CA VAL A 193 3.79 8.27 11.93
C VAL A 193 3.05 6.94 11.87
N ARG A 194 3.04 6.21 12.99
CA ARG A 194 2.49 4.86 13.01
C ARG A 194 1.54 4.68 14.18
N PHE A 195 0.64 3.69 14.03
CA PHE A 195 -0.38 3.39 15.04
C PHE A 195 -0.38 1.90 15.34
N ASP A 196 -0.69 1.55 16.60
CA ASP A 196 -0.86 0.15 16.97
C ASP A 196 -2.35 -0.19 16.94
N LEU A 197 -2.87 -0.33 15.72
CA LEU A 197 -4.30 -0.56 15.52
C LEU A 197 -4.66 -2.01 15.79
N ASP A 198 -5.83 -2.24 16.39
CA ASP A 198 -6.30 -3.61 16.52
C ASP A 198 -7.63 -3.91 15.83
N HIS A 199 -8.26 -2.93 15.19
CA HIS A 199 -9.54 -3.17 14.52
C HIS A 199 -9.75 -2.11 13.45
N ILE A 200 -10.41 -2.52 12.36
CA ILE A 200 -10.74 -1.64 11.24
C ILE A 200 -12.21 -1.84 10.90
N GLN A 201 -12.96 -0.74 10.89
CA GLN A 201 -14.31 -0.77 10.37
C GLN A 201 -14.58 0.55 9.66
N GLY A 202 -15.61 0.57 8.81
CA GLY A 202 -16.02 1.82 8.20
C GLY A 202 -16.03 1.83 6.68
N LEU A 203 -16.79 2.76 6.10
CA LEU A 203 -16.98 2.85 4.65
C LEU A 203 -16.31 4.14 4.17
N VAL A 204 -15.24 4.00 3.39
CA VAL A 204 -14.54 5.14 2.80
C VAL A 204 -14.25 4.80 1.34
N PRO A 205 -15.09 5.22 0.41
CA PRO A 205 -14.88 4.86 -1.00
C PRO A 205 -14.04 5.87 -1.76
N ILE A 206 -13.76 5.58 -3.03
CA ILE A 206 -12.94 6.44 -3.90
C ILE A 206 -13.73 6.78 -5.16
N ILE A 207 -13.84 8.07 -5.48
CA ILE A 207 -14.44 8.50 -6.73
C ILE A 207 -13.45 9.42 -7.43
N SER A 208 -13.60 9.59 -8.76
CA SER A 208 -12.66 10.37 -9.55
C SER A 208 -13.38 11.53 -10.22
N ALA A 209 -12.75 12.70 -10.19
CA ALA A 209 -13.30 13.84 -10.91
C ALA A 209 -13.07 13.70 -12.41
N TYR A 210 -13.91 14.40 -13.17
CA TYR A 210 -13.82 14.35 -14.62
C TYR A 210 -14.50 15.58 -15.18
N ALA A 211 -14.12 15.95 -16.41
CA ALA A 211 -14.70 17.12 -17.03
C ALA A 211 -16.16 16.84 -17.35
N GLY A 212 -17.07 17.62 -16.75
CA GLY A 212 -18.49 17.33 -16.84
C GLY A 212 -19.10 16.83 -15.55
N MET A 213 -18.28 16.48 -14.56
CA MET A 213 -18.84 16.08 -13.27
C MET A 213 -19.61 17.23 -12.65
N THR A 214 -20.75 16.91 -12.03
CA THR A 214 -21.48 17.94 -11.30
C THR A 214 -21.79 17.42 -9.91
N ASP A 215 -23.07 17.25 -9.58
CA ASP A 215 -23.44 16.73 -8.26
C ASP A 215 -24.20 15.41 -8.31
N GLU A 216 -24.30 14.77 -9.48
CA GLU A 216 -25.26 13.68 -9.58
C GLU A 216 -24.79 12.44 -8.84
N LEU A 217 -23.49 12.11 -8.95
CA LEU A 217 -22.97 10.96 -8.23
C LEU A 217 -22.97 11.22 -6.72
N ILE A 218 -22.50 12.41 -6.30
CA ILE A 218 -22.43 12.68 -4.87
C ILE A 218 -23.83 12.70 -4.25
N ASP A 219 -24.82 13.18 -5.00
CA ASP A 219 -26.20 13.17 -4.53
C ASP A 219 -26.72 11.77 -4.27
N MET A 220 -26.11 10.74 -4.88
CA MET A 220 -26.55 9.37 -4.68
C MET A 220 -26.01 8.75 -3.40
N LEU A 221 -24.95 9.32 -2.82
CA LEU A 221 -24.35 8.76 -1.63
C LEU A 221 -25.30 8.82 -0.45
N ASP A 222 -25.36 7.72 0.31
CA ASP A 222 -26.17 7.66 1.52
C ASP A 222 -25.28 8.16 2.66
N LEU A 223 -25.48 9.41 3.08
CA LEU A 223 -24.56 10.06 3.98
C LEU A 223 -24.62 9.49 5.39
N GLU A 224 -25.70 8.79 5.74
CA GLU A 224 -25.77 8.19 7.07
C GLU A 224 -24.83 7.01 7.23
N HIS A 225 -24.37 6.40 6.12
CA HIS A 225 -23.51 5.23 6.17
C HIS A 225 -22.09 5.53 5.72
N LEU A 226 -21.80 6.77 5.32
CA LEU A 226 -20.51 7.15 4.77
C LEU A 226 -19.60 7.67 5.88
N ASP A 227 -18.45 7.03 6.07
CA ASP A 227 -17.50 7.46 7.10
C ASP A 227 -16.43 8.40 6.57
N GLY A 228 -16.26 8.48 5.25
CA GLY A 228 -15.27 9.37 4.65
C GLY A 228 -15.32 9.15 3.15
N LEU A 229 -14.61 10.02 2.44
CA LEU A 229 -14.59 9.95 0.97
C LEU A 229 -13.25 10.43 0.45
N ILE A 230 -12.70 9.70 -0.51
CA ILE A 230 -11.51 10.09 -1.26
C ILE A 230 -11.94 10.53 -2.65
N ILE A 231 -11.47 11.71 -3.10
CA ILE A 231 -11.69 12.18 -4.46
C ILE A 231 -10.35 12.31 -5.15
N GLN A 232 -10.22 11.69 -6.33
CA GLN A 232 -9.07 11.91 -7.21
C GLN A 232 -9.36 13.16 -8.02
N ALA A 233 -8.72 14.27 -7.66
CA ALA A 233 -9.03 15.58 -8.21
C ALA A 233 -8.13 15.91 -9.38
N PHE A 234 -8.48 17.00 -10.07
CA PHE A 234 -7.65 17.46 -11.18
C PHE A 234 -6.38 18.10 -10.65
N GLY A 235 -5.27 17.87 -11.37
CA GLY A 235 -4.05 18.64 -11.13
C GLY A 235 -3.63 18.70 -9.68
N ALA A 236 -3.35 19.92 -9.22
CA ALA A 236 -2.92 20.16 -7.84
C ALA A 236 -4.05 20.04 -6.83
N GLY A 237 -5.29 19.83 -7.28
CA GLY A 237 -6.37 19.61 -6.33
C GLY A 237 -7.55 20.53 -6.59
N ASN A 238 -8.15 20.40 -7.77
CA ASN A 238 -9.31 21.20 -8.15
C ASN A 238 -10.41 20.28 -8.67
N ILE A 239 -11.66 20.71 -8.51
CA ILE A 239 -12.83 19.94 -8.99
C ILE A 239 -13.84 20.90 -9.62
N PRO A 240 -14.89 20.41 -10.28
CA PRO A 240 -15.87 21.34 -10.86
C PRO A 240 -16.65 22.10 -9.80
N LYS A 241 -17.22 23.22 -10.23
CA LYS A 241 -17.94 24.12 -9.32
C LYS A 241 -19.13 23.42 -8.65
N GLU A 242 -19.93 22.71 -9.44
CA GLU A 242 -21.11 22.05 -8.86
C GLU A 242 -20.72 20.97 -7.88
N THR A 243 -19.62 20.26 -8.14
CA THR A 243 -19.16 19.23 -7.22
C THR A 243 -18.76 19.83 -5.88
N ALA A 244 -18.01 20.95 -5.93
CA ALA A 244 -17.58 21.61 -4.71
C ALA A 244 -18.76 22.12 -3.90
N GLN A 245 -19.79 22.67 -4.56
CA GLN A 245 -20.96 23.12 -3.82
C GLN A 245 -21.66 21.96 -3.13
N LYS A 246 -21.73 20.81 -3.81
CA LYS A 246 -22.41 19.66 -3.22
C LYS A 246 -21.62 19.05 -2.08
N LEU A 247 -20.28 19.16 -2.11
CA LEU A 247 -19.48 18.61 -1.03
C LEU A 247 -19.79 19.25 0.31
N GLU A 248 -20.37 20.46 0.31
CA GLU A 248 -20.74 21.10 1.56
C GLU A 248 -21.71 20.23 2.38
N SER A 249 -22.56 19.48 1.71
CA SER A 249 -23.52 18.65 2.45
C SER A 249 -22.80 17.52 3.17
N LEU A 250 -21.67 17.06 2.65
CA LEU A 250 -20.86 16.08 3.37
C LEU A 250 -20.06 16.74 4.48
N LEU A 251 -19.36 17.82 4.16
CA LEU A 251 -18.48 18.44 5.15
C LEU A 251 -19.25 18.95 6.35
N GLN A 252 -20.42 19.55 6.12
CA GLN A 252 -21.18 20.11 7.21
C GLN A 252 -21.87 19.03 8.04
N LYS A 253 -21.94 17.80 7.54
CA LYS A 253 -22.39 16.66 8.34
C LYS A 253 -21.26 16.02 9.14
N GLY A 254 -20.04 16.52 9.01
CA GLY A 254 -18.91 15.95 9.72
C GLY A 254 -18.20 14.82 9.02
N ILE A 255 -18.51 14.58 7.74
CA ILE A 255 -17.88 13.50 6.98
C ILE A 255 -16.58 14.04 6.39
N PRO A 256 -15.44 13.44 6.68
CA PRO A 256 -14.18 13.93 6.13
C PRO A 256 -14.06 13.57 4.66
N VAL A 257 -13.60 14.55 3.88
CA VAL A 257 -13.34 14.39 2.46
C VAL A 257 -11.86 14.70 2.24
N ALA A 258 -11.14 13.76 1.64
CA ALA A 258 -9.73 13.98 1.32
C ALA A 258 -9.51 13.86 -0.18
N LEU A 259 -8.69 14.74 -0.74
CA LEU A 259 -8.39 14.66 -2.16
C LEU A 259 -6.92 14.29 -2.37
N VAL A 260 -6.66 13.60 -3.48
CA VAL A 260 -5.32 13.42 -4.00
C VAL A 260 -5.33 13.92 -5.44
N SER A 261 -4.14 14.24 -5.94
CA SER A 261 -3.98 14.52 -7.37
C SER A 261 -4.21 13.25 -8.18
N ARG A 262 -4.96 13.37 -9.27
CA ARG A 262 -5.05 12.21 -10.16
C ARG A 262 -3.79 12.03 -11.00
N CYS A 263 -2.84 12.95 -10.90
CA CYS A 263 -1.65 12.90 -11.75
C CYS A 263 -0.59 11.97 -11.15
N PHE A 264 0.06 11.19 -12.02
CA PHE A 264 0.98 10.15 -11.57
C PHE A 264 2.10 10.71 -10.70
N ASN A 265 2.72 11.82 -11.12
CA ASN A 265 3.74 12.49 -10.33
C ASN A 265 3.21 13.72 -9.62
N GLY A 266 1.90 13.78 -9.39
CA GLY A 266 1.28 14.99 -8.89
C GLY A 266 1.54 15.20 -7.41
N ILE A 267 1.58 16.47 -7.04
CA ILE A 267 1.70 16.94 -5.66
C ILE A 267 0.50 17.86 -5.44
N ALA A 268 -0.30 17.57 -4.41
CA ALA A 268 -1.48 18.38 -4.16
C ALA A 268 -1.08 19.68 -3.48
N GLU A 269 -1.58 20.80 -4.01
CA GLU A 269 -1.19 22.13 -3.57
C GLU A 269 -2.37 23.09 -3.78
N PRO A 270 -3.06 23.54 -2.73
CA PRO A 270 -4.15 24.50 -2.92
C PRO A 270 -3.62 25.85 -3.38
N VAL A 271 -3.98 26.25 -4.60
CA VAL A 271 -3.49 27.52 -5.13
C VAL A 271 -4.60 28.32 -5.79
N TYR A 272 -5.51 27.65 -6.49
CA TYR A 272 -6.55 28.38 -7.22
C TYR A 272 -7.75 28.67 -6.34
N ALA A 273 -8.37 29.84 -6.57
CA ALA A 273 -9.38 30.36 -5.66
C ALA A 273 -10.75 30.55 -6.30
N TYR A 274 -10.95 30.07 -7.53
CA TYR A 274 -12.29 30.00 -8.08
C TYR A 274 -13.07 28.88 -7.39
N GLN A 275 -14.39 28.79 -7.64
CA GLN A 275 -15.17 27.73 -7.02
C GLN A 275 -14.70 26.37 -7.54
N GLY A 276 -14.44 25.45 -6.62
CA GLY A 276 -13.81 24.19 -6.99
C GLY A 276 -12.31 24.26 -6.99
N GLY A 277 -11.73 25.46 -6.91
CA GLY A 277 -10.30 25.58 -6.78
C GLY A 277 -9.83 25.14 -5.40
N GLY A 278 -8.60 24.66 -5.35
CA GLY A 278 -8.07 24.07 -4.13
C GLY A 278 -8.12 24.99 -2.92
N VAL A 279 -7.91 26.29 -3.12
CA VAL A 279 -7.99 27.21 -1.98
C VAL A 279 -9.40 27.19 -1.39
N GLN A 280 -10.43 27.22 -2.25
CA GLN A 280 -11.80 27.20 -1.75
C GLN A 280 -12.13 25.86 -1.13
N LEU A 281 -11.64 24.76 -1.71
CA LEU A 281 -11.89 23.44 -1.14
C LEU A 281 -11.28 23.31 0.25
N GLN A 282 -10.05 23.81 0.42
CA GLN A 282 -9.41 23.66 1.72
C GLN A 282 -10.07 24.53 2.77
N LYS A 283 -10.47 25.75 2.39
CA LYS A 283 -11.22 26.60 3.31
C LYS A 283 -12.50 25.92 3.77
N ALA A 284 -13.16 25.19 2.86
CA ALA A 284 -14.40 24.51 3.18
C ALA A 284 -14.19 23.27 4.05
N GLY A 285 -12.96 22.78 4.15
CA GLY A 285 -12.64 21.66 5.04
C GLY A 285 -12.13 20.40 4.36
N VAL A 286 -11.99 20.37 3.03
CA VAL A 286 -11.39 19.23 2.35
C VAL A 286 -9.94 19.10 2.77
N PHE A 287 -9.51 17.85 3.01
CA PHE A 287 -8.11 17.56 3.32
C PHE A 287 -7.31 17.37 2.04
N PHE A 288 -6.15 18.01 1.96
CA PHE A 288 -5.24 17.85 0.83
C PHE A 288 -4.14 16.85 1.22
N VAL A 289 -4.15 15.68 0.59
CA VAL A 289 -3.12 14.67 0.82
C VAL A 289 -2.01 14.90 -0.20
N LYS A 290 -0.81 15.21 0.30
CA LYS A 290 0.19 15.90 -0.53
C LYS A 290 0.78 14.99 -1.61
N GLU A 291 1.21 13.76 -1.23
CA GLU A 291 1.96 12.94 -2.19
C GLU A 291 1.69 11.47 -1.87
N LEU A 292 0.55 10.99 -2.37
CA LEU A 292 0.03 9.67 -2.05
C LEU A 292 -1.03 9.35 -3.09
N ASN A 293 -1.10 8.11 -3.53
CA ASN A 293 -2.17 7.81 -4.48
C ASN A 293 -3.48 7.53 -3.75
N ALA A 294 -4.56 7.38 -4.51
CA ALA A 294 -5.89 7.38 -3.91
C ALA A 294 -6.11 6.19 -3.01
N GLN A 295 -5.67 5.00 -3.43
CA GLN A 295 -5.91 3.82 -2.63
C GLN A 295 -5.15 3.87 -1.31
N LYS A 296 -3.96 4.48 -1.29
CA LYS A 296 -3.26 4.63 -0.02
C LYS A 296 -3.86 5.75 0.82
N ALA A 297 -4.27 6.86 0.20
CA ALA A 297 -4.93 7.90 0.99
C ALA A 297 -6.22 7.37 1.63
N ARG A 298 -6.91 6.46 0.94
CA ARG A 298 -8.12 5.87 1.51
C ARG A 298 -7.78 5.10 2.79
N LEU A 299 -6.72 4.31 2.76
CA LEU A 299 -6.29 3.60 3.96
C LEU A 299 -5.81 4.57 5.03
N LYS A 300 -5.11 5.64 4.64
CA LYS A 300 -4.65 6.61 5.63
C LYS A 300 -5.82 7.19 6.41
N LEU A 301 -6.90 7.57 5.69
CA LEU A 301 -8.07 8.10 6.36
C LEU A 301 -8.75 7.03 7.22
N LEU A 302 -8.93 5.83 6.67
CA LEU A 302 -9.57 4.76 7.43
C LEU A 302 -8.80 4.44 8.70
N ILE A 303 -7.48 4.36 8.61
CA ILE A 303 -6.66 4.09 9.79
C ILE A 303 -6.79 5.23 10.80
N ALA A 304 -6.75 6.47 10.31
CA ALA A 304 -6.84 7.62 11.22
C ALA A 304 -8.16 7.63 11.98
N LEU A 305 -9.26 7.34 11.29
CA LEU A 305 -10.55 7.33 11.96
C LEU A 305 -10.62 6.21 12.99
N ASN A 306 -10.12 5.03 12.64
CA ASN A 306 -10.18 3.91 13.57
C ASN A 306 -9.20 4.07 14.72
N ALA A 307 -8.10 4.79 14.51
CA ALA A 307 -7.12 5.00 15.57
C ALA A 307 -7.61 5.97 16.63
N GLY A 308 -8.54 6.85 16.28
CA GLY A 308 -9.06 7.84 17.19
C GLY A 308 -8.73 9.29 16.89
N LEU A 309 -8.29 9.61 15.67
CA LEU A 309 -8.05 11.01 15.34
C LEU A 309 -9.36 11.69 14.99
N THR A 310 -9.56 12.89 15.54
CA THR A 310 -10.73 13.71 15.23
C THR A 310 -10.27 15.17 15.10
N GLY A 311 -11.15 15.99 14.55
CA GLY A 311 -10.97 17.44 14.60
C GLY A 311 -9.68 17.90 13.95
N GLN A 312 -9.03 18.88 14.58
CA GLN A 312 -7.79 19.43 14.06
C GLN A 312 -6.72 18.36 13.88
N ALA A 313 -6.63 17.41 14.81
CA ALA A 313 -5.58 16.40 14.71
C ALA A 313 -5.76 15.51 13.49
N LEU A 314 -7.01 15.19 13.15
CA LEU A 314 -7.27 14.42 11.93
C LEU A 314 -6.85 15.20 10.69
N LYS A 315 -7.20 16.49 10.61
CA LYS A 315 -6.78 17.32 9.48
C LYS A 315 -5.25 17.40 9.40
N ASP A 316 -4.60 17.68 10.54
CA ASP A 316 -3.16 17.85 10.53
C ASP A 316 -2.45 16.56 10.13
N TYR A 317 -2.94 15.41 10.57
CA TYR A 317 -2.34 14.15 10.17
C TYR A 317 -2.55 13.89 8.66
N MET A 318 -3.77 14.08 8.17
CA MET A 318 -4.04 13.77 6.77
C MET A 318 -3.21 14.64 5.84
N GLU A 319 -3.04 15.91 6.19
CA GLU A 319 -2.34 16.88 5.37
C GLU A 319 -0.85 16.95 5.66
N GLY A 320 -0.35 16.13 6.58
CA GLY A 320 1.03 16.19 6.98
C GLY A 320 2.01 15.44 6.11
#